data_7LI5
#
_entry.id   7LI5
#
_cell.length_a   36.560
_cell.length_b   89.320
_cell.length_c   135.020
_cell.angle_alpha   90.000
_cell.angle_beta   90.000
_cell.angle_gamma   90.000
#
_symmetry.space_group_name_H-M   'P 21 21 21'
#
loop_
_entity.id
_entity.type
_entity.pdbx_description
1 polymer 'Transcriptional enhancer factor TEF-1'
2 non-polymer 1-[(3R,4R)-3-[4-(pyridin-3-yl)-1H-1,2,3-triazol-1-yl]-4-{[4-(trifluoromethyl)phenyl]methoxy}pyrrolidin-1-yl]prop-2-en-1-one
3 non-polymer 'SULFATE ION'
4 water water
#
_entity_poly.entity_id   1
_entity_poly.type   'polypeptide(L)'
_entity_poly.pdbx_seq_one_letter_code
;GPHMRSIGTTKLRLVEFSAFLEQQRDPDSYNKHLFVHIGHANHSYSDPLLESVDIRQIYDKFPEKKGGLKELFGKGPQNA
FFLVKFWADLNCNIQDDAGAFYGVTSQYESSENMTVTCSTKVCSFGKQVVEKVETEYARFENGRFVYRINRSPMCEYMIN
FIHKLKHLPEKYMMNSVLENFTILLVVTNRDTQETLLCMACVFEVSNSEHGAQHHIYRLV
;
_entity_poly.pdbx_strand_id   A,B
#
loop_
_chem_comp.id
_chem_comp.type
_chem_comp.name
_chem_comp.formula
SO4 non-polymer 'SULFATE ION' 'O4 S -2'
Y2D non-polymer 1-[(3R,4R)-3-[4-(pyridin-3-yl)-1H-1,2,3-triazol-1-yl]-4-{[4-(trifluoromethyl)phenyl]methoxy}pyrrolidin-1-yl]prop-2-en-1-one 'C22 H20 F3 N5 O2'
#
# COMPACT_ATOMS: atom_id res chain seq x y z
N GLY A 1 18.07 -30.31 20.29
CA GLY A 1 18.06 -31.37 19.31
C GLY A 1 17.20 -31.04 18.10
N PRO A 2 17.49 -29.93 17.45
CA PRO A 2 16.69 -29.54 16.28
C PRO A 2 16.97 -30.42 15.08
N HIS A 3 16.00 -30.42 14.17
CA HIS A 3 16.15 -30.95 12.82
C HIS A 3 16.05 -29.80 11.84
N MET A 4 16.94 -29.80 10.85
CA MET A 4 16.99 -28.75 9.85
C MET A 4 16.55 -29.34 8.51
N ARG A 5 15.48 -28.80 7.94
CA ARG A 5 14.87 -29.41 6.77
C ARG A 5 14.08 -28.37 5.98
N SER A 6 13.78 -28.72 4.74
CA SER A 6 12.98 -27.86 3.88
C SER A 6 11.57 -27.71 4.45
N ILE A 7 10.92 -26.60 4.07
CA ILE A 7 9.55 -26.35 4.48
C ILE A 7 8.58 -27.30 3.79
N GLY A 8 8.75 -27.50 2.49
CA GLY A 8 7.80 -28.30 1.72
C GLY A 8 6.60 -27.49 1.25
N THR A 9 5.66 -28.21 0.65
CA THR A 9 4.49 -27.59 0.04
C THR A 9 3.58 -26.98 1.10
N THR A 10 3.06 -25.78 0.80
CA THR A 10 2.13 -25.10 1.68
C THR A 10 1.08 -24.43 0.82
N LYS A 11 -0.12 -24.25 1.38
CA LYS A 11 -1.22 -23.63 0.63
C LYS A 11 -1.11 -22.12 0.59
N LEU A 12 -0.40 -21.51 1.54
CA LEU A 12 -0.32 -20.07 1.66
C LEU A 12 1.12 -19.75 2.02
N ARG A 13 1.66 -18.70 1.43
CA ARG A 13 3.01 -18.26 1.73
C ARG A 13 2.98 -16.80 2.19
N LEU A 14 3.75 -16.51 3.24
CA LEU A 14 3.97 -15.13 3.66
C LEU A 14 5.09 -14.55 2.80
N VAL A 15 4.79 -13.46 2.09
CA VAL A 15 5.74 -12.85 1.16
C VAL A 15 6.36 -11.60 1.76
N GLU A 16 5.59 -10.88 2.58
CA GLU A 16 6.08 -9.62 3.13
C GLU A 16 5.31 -9.30 4.42
N PHE A 17 6.01 -8.67 5.35
CA PHE A 17 5.41 -8.17 6.58
C PHE A 17 6.23 -7.01 7.08
N SER A 18 5.56 -5.97 7.55
CA SER A 18 6.26 -4.89 8.24
C SER A 18 5.34 -4.29 9.30
N ALA A 19 5.96 -3.82 10.38
CA ALA A 19 5.28 -3.01 11.38
C ALA A 19 6.00 -1.67 11.44
N PHE A 20 5.25 -0.57 11.44
CA PHE A 20 5.88 0.71 11.15
C PHE A 20 5.23 1.85 11.91
N LEU A 21 5.97 2.95 12.02
CA LEU A 21 5.45 4.23 12.47
C LEU A 21 5.68 5.24 11.35
N GLU A 22 4.60 5.80 10.81
CA GLU A 22 4.66 6.83 9.79
C GLU A 22 4.29 8.16 10.42
N GLN A 23 5.12 9.17 10.19
CA GLN A 23 4.92 10.49 10.77
C GLN A 23 4.90 11.52 9.66
N GLN A 24 3.89 12.39 9.68
CA GLN A 24 3.74 13.40 8.65
C GLN A 24 4.41 14.67 9.14
N ARG A 25 5.49 15.07 8.46
CA ARG A 25 6.11 16.36 8.77
C ARG A 25 5.27 17.52 8.25
N ASP A 26 4.61 17.33 7.10
CA ASP A 26 3.72 18.31 6.50
C ASP A 26 2.87 17.60 5.43
N PRO A 27 1.96 18.28 4.75
CA PRO A 27 0.99 17.55 3.90
C PRO A 27 1.64 16.73 2.80
N ASP A 28 2.87 17.06 2.39
CA ASP A 28 3.54 16.35 1.32
C ASP A 28 4.79 15.59 1.75
N SER A 29 5.09 15.53 3.05
CA SER A 29 6.32 14.89 3.53
C SER A 29 5.99 13.92 4.66
N TYR A 30 6.48 12.69 4.51
CA TYR A 30 6.23 11.62 5.48
C TYR A 30 7.52 10.89 5.75
N ASN A 31 7.76 10.55 7.02
CA ASN A 31 8.82 9.62 7.37
C ASN A 31 8.20 8.32 7.86
N LYS A 32 8.84 7.20 7.51
CA LYS A 32 8.38 5.88 7.91
C LYS A 32 9.54 5.17 8.59
N HIS A 33 9.31 4.62 9.77
CA HIS A 33 10.28 3.82 10.49
C HIS A 33 9.73 2.40 10.62
N LEU A 34 10.55 1.40 10.29
CA LEU A 34 10.14 0.01 10.44
C LEU A 34 10.66 -0.54 11.77
N PHE A 35 9.76 -1.08 12.57
CA PHE A 35 10.13 -1.75 13.81
C PHE A 35 10.63 -3.18 13.55
N VAL A 36 9.89 -3.91 12.72
CA VAL A 36 10.23 -5.28 12.36
C VAL A 36 9.78 -5.49 10.93
N HIS A 37 10.36 -6.48 10.26
CA HIS A 37 9.91 -6.75 8.90
C HIS A 37 10.39 -8.12 8.44
N ILE A 38 9.64 -8.72 7.51
CA ILE A 38 10.06 -9.96 6.85
C ILE A 38 9.92 -9.77 5.35
N GLY A 39 10.91 -10.26 4.59
CA GLY A 39 10.83 -10.16 3.14
C GLY A 39 11.29 -8.88 2.49
N HIS A 40 12.20 -8.13 3.11
CA HIS A 40 12.65 -6.84 2.56
C HIS A 40 14.09 -6.90 2.02
N PRO A 48 16.35 -23.12 1.31
CA PRO A 48 15.19 -22.83 2.17
C PRO A 48 15.10 -23.79 3.35
N LEU A 49 16.23 -24.13 3.97
CA LEU A 49 16.25 -25.04 5.10
C LEU A 49 16.01 -24.25 6.39
N LEU A 50 15.12 -24.77 7.22
CA LEU A 50 14.81 -24.16 8.51
C LEU A 50 15.10 -25.14 9.62
N GLU A 51 15.71 -24.65 10.69
CA GLU A 51 15.87 -25.48 11.86
C GLU A 51 14.57 -25.53 12.65
N SER A 52 14.45 -26.54 13.51
CA SER A 52 13.22 -26.77 14.26
C SER A 52 13.36 -26.28 15.70
N VAL A 53 12.21 -26.09 16.34
CA VAL A 53 12.14 -25.78 17.76
C VAL A 53 11.02 -26.65 18.34
N ASP A 54 11.31 -27.28 19.47
CA ASP A 54 10.33 -28.13 20.15
C ASP A 54 9.21 -27.24 20.69
N ILE A 55 8.00 -27.38 20.14
CA ILE A 55 6.93 -26.48 20.51
C ILE A 55 6.64 -26.53 22.00
N ARG A 56 6.98 -27.64 22.66
CA ARG A 56 6.73 -27.70 24.10
C ARG A 56 7.50 -26.61 24.84
N GLN A 57 8.59 -26.11 24.27
CA GLN A 57 9.34 -25.03 24.94
C GLN A 57 8.56 -23.72 25.02
N ILE A 58 7.52 -23.53 24.20
CA ILE A 58 6.88 -22.22 24.10
C ILE A 58 5.42 -22.24 24.53
N TYR A 59 4.90 -23.39 24.96
CA TYR A 59 3.49 -23.47 25.35
C TYR A 59 3.16 -22.51 26.48
N ASP A 60 4.07 -22.36 27.45
CA ASP A 60 3.78 -21.50 28.60
C ASP A 60 3.79 -20.01 28.24
N LYS A 61 4.18 -19.65 27.01
CA LYS A 61 4.20 -18.26 26.58
C LYS A 61 2.97 -17.87 25.76
N PHE A 62 2.03 -18.78 25.55
CA PHE A 62 0.83 -18.54 24.76
C PHE A 62 -0.38 -19.14 25.47
N PRO A 63 -1.58 -18.66 25.13
CA PRO A 63 -2.79 -19.25 25.72
C PRO A 63 -2.90 -20.73 25.36
N GLU A 64 -3.35 -21.54 26.32
CA GLU A 64 -3.41 -22.99 26.15
C GLU A 64 -4.76 -23.56 26.52
N LYS A 65 -5.81 -22.75 26.49
CA LYS A 65 -7.16 -23.24 26.72
C LYS A 65 -7.71 -23.78 25.41
N LYS A 66 -9.02 -24.00 25.34
CA LYS A 66 -9.62 -24.41 24.09
C LYS A 66 -9.29 -23.38 23.01
N GLY A 67 -8.97 -23.86 21.82
CA GLY A 67 -8.49 -22.97 20.78
C GLY A 67 -7.09 -22.43 20.98
N GLY A 68 -6.33 -22.96 21.94
CA GLY A 68 -4.99 -22.49 22.21
C GLY A 68 -3.95 -23.12 21.30
N LEU A 69 -2.70 -22.70 21.50
CA LEU A 69 -1.63 -23.12 20.59
C LEU A 69 -1.49 -24.64 20.55
N LYS A 70 -1.55 -25.30 21.71
CA LYS A 70 -1.38 -26.75 21.70
C LYS A 70 -2.50 -27.44 20.94
N GLU A 71 -3.75 -26.98 21.15
CA GLU A 71 -4.87 -27.55 20.39
C GLU A 71 -4.69 -27.32 18.90
N LEU A 72 -4.31 -26.09 18.52
CA LEU A 72 -4.14 -25.76 17.11
C LEU A 72 -3.05 -26.61 16.47
N PHE A 73 -1.92 -26.78 17.16
CA PHE A 73 -0.83 -27.57 16.61
C PHE A 73 -1.25 -29.02 16.43
N GLY A 74 -1.99 -29.58 17.40
CA GLY A 74 -2.45 -30.95 17.28
C GLY A 74 -3.32 -31.17 16.06
N LYS A 75 -4.14 -30.18 15.69
CA LYS A 75 -5.07 -30.27 14.55
C LYS A 75 -4.47 -29.95 13.18
N GLY A 76 -4.07 -28.67 12.96
CA GLY A 76 -3.81 -28.14 11.62
C GLY A 76 -2.55 -28.82 11.14
N PRO A 77 -2.22 -28.68 9.86
CA PRO A 77 -1.01 -29.34 9.36
C PRO A 77 0.22 -28.80 10.08
N GLN A 78 1.04 -29.71 10.59
CA GLN A 78 2.19 -29.27 11.36
C GLN A 78 3.17 -28.47 10.54
N ASN A 79 3.23 -28.67 9.22
CA ASN A 79 4.23 -27.88 8.50
C ASN A 79 3.81 -26.41 8.31
N ALA A 80 2.63 -26.02 8.80
CA ALA A 80 2.21 -24.62 8.75
C ALA A 80 2.60 -23.82 9.99
N PHE A 81 3.31 -24.41 10.96
CA PHE A 81 3.60 -23.76 12.24
C PHE A 81 5.07 -23.36 12.35
N PHE A 82 5.31 -22.10 12.72
CA PHE A 82 6.66 -21.54 12.78
C PHE A 82 6.84 -20.71 14.05
N LEU A 83 8.07 -20.65 14.52
CA LEU A 83 8.47 -19.70 15.54
C LEU A 83 9.29 -18.63 14.86
N VAL A 84 8.96 -17.36 15.08
CA VAL A 84 9.75 -16.27 14.52
C VAL A 84 10.33 -15.50 15.69
N LYS A 85 11.66 -15.37 15.71
CA LYS A 85 12.34 -14.50 16.66
C LYS A 85 12.67 -13.20 15.95
N PHE A 86 12.19 -12.08 16.52
CA PHE A 86 12.43 -10.74 15.96
C PHE A 86 13.41 -10.00 16.85
N TRP A 87 14.31 -9.25 16.22
CA TRP A 87 15.11 -8.22 16.87
C TRP A 87 14.58 -6.89 16.36
N ALA A 88 13.87 -6.16 17.21
CA ALA A 88 13.16 -4.96 16.80
C ALA A 88 14.07 -3.72 16.79
N ASP A 89 13.76 -2.81 15.88
CA ASP A 89 14.45 -1.53 15.77
C ASP A 89 13.62 -0.45 16.46
N LEU A 90 14.09 0.02 17.62
CA LEU A 90 13.39 1.06 18.37
C LEU A 90 14.04 2.43 18.21
N ASN A 91 14.94 2.58 17.26
CA ASN A 91 15.72 3.82 17.13
C ASN A 91 14.97 4.76 16.19
N CYS A 92 13.99 5.46 16.77
CA CYS A 92 13.22 6.45 16.03
C CYS A 92 12.73 7.52 16.99
N ASN A 93 12.74 8.77 16.53
CA ASN A 93 12.31 9.93 17.34
C ASN A 93 10.81 10.13 17.18
N ILE A 94 10.04 9.63 18.18
CA ILE A 94 8.58 9.70 18.14
C ILE A 94 8.15 11.15 18.35
N GLN A 95 7.34 11.66 17.43
CA GLN A 95 6.89 13.03 17.47
C GLN A 95 5.44 13.11 17.91
N GLY A 99 0.78 13.89 13.61
CA GLY A 99 0.07 12.99 12.72
C GLY A 99 0.75 11.64 12.53
N ALA A 100 0.90 10.92 13.64
CA ALA A 100 1.58 9.64 13.62
C ALA A 100 0.57 8.53 13.35
N PHE A 101 0.96 7.59 12.49
CA PHE A 101 0.15 6.41 12.22
C PHE A 101 0.99 5.17 12.50
N TYR A 102 0.53 4.34 13.43
CA TYR A 102 1.20 3.09 13.77
C TYR A 102 0.49 2.00 13.00
N GLY A 103 1.20 1.28 12.11
CA GLY A 103 0.54 0.37 11.21
C GLY A 103 1.29 -0.91 10.94
N VAL A 104 0.58 -1.84 10.27
CA VAL A 104 1.18 -3.08 9.80
C VAL A 104 0.76 -3.33 8.35
N THR A 105 1.68 -3.86 7.56
CA THR A 105 1.37 -4.33 6.23
C THR A 105 1.79 -5.78 6.12
N SER A 106 1.07 -6.54 5.30
CA SER A 106 1.49 -7.91 5.07
C SER A 106 0.99 -8.32 3.70
N GLN A 107 1.67 -9.28 3.11
CA GLN A 107 1.21 -9.85 1.85
C GLN A 107 1.35 -11.37 1.92
N TYR A 108 0.29 -12.08 1.54
CA TYR A 108 0.30 -13.53 1.42
C TYR A 108 -0.04 -13.90 -0.01
N GLU A 109 0.39 -15.09 -0.43
CA GLU A 109 0.08 -15.54 -1.77
C GLU A 109 -0.32 -17.00 -1.74
N SER A 110 -1.17 -17.39 -2.69
CA SER A 110 -1.63 -18.77 -2.77
C SER A 110 -1.93 -19.10 -4.22
N SER A 111 -1.92 -20.38 -4.55
CA SER A 111 -2.46 -20.80 -5.84
C SER A 111 -3.97 -20.98 -5.82
N GLU A 112 -4.59 -21.03 -4.63
CA GLU A 112 -6.03 -21.24 -4.47
C GLU A 112 -6.74 -19.94 -4.10
N ASN A 113 -7.94 -19.74 -4.64
CA ASN A 113 -8.76 -18.60 -4.24
C ASN A 113 -9.46 -18.96 -2.94
N MET A 114 -9.12 -18.27 -1.87
CA MET A 114 -9.63 -18.55 -0.53
C MET A 114 -10.09 -17.23 0.09
N THR A 115 -10.95 -17.34 1.08
CA THR A 115 -11.20 -16.25 2.01
C THR A 115 -10.41 -16.53 3.27
N VAL A 116 -9.54 -15.60 3.64
CA VAL A 116 -8.53 -15.82 4.66
C VAL A 116 -8.88 -14.93 5.85
N THR A 117 -8.83 -15.49 7.04
CA THR A 117 -8.94 -14.71 8.27
C THR A 117 -7.59 -14.68 8.96
N CYS A 118 -7.08 -13.48 9.26
CA CYS A 118 -5.84 -13.34 10.02
C CYS A 118 -6.16 -12.88 11.43
N SER A 119 -5.77 -13.68 12.39
CA SER A 119 -5.93 -13.40 13.81
C SER A 119 -4.57 -13.08 14.40
N THR A 120 -4.46 -11.96 15.07
CA THR A 120 -3.22 -11.62 15.76
C THR A 120 -3.54 -11.47 17.23
N LYS A 121 -2.98 -12.35 18.07
CA LYS A 121 -3.18 -12.28 19.51
C LYS A 121 -1.94 -11.72 20.17
N VAL A 122 -2.11 -10.68 20.95
CA VAL A 122 -1.03 -10.14 21.79
C VAL A 122 -1.15 -10.81 23.15
N CYS A 123 -0.04 -11.38 23.62
CA CYS A 123 -0.02 -12.11 24.88
C CYS A 123 1.02 -11.54 25.84
N SER A 124 0.61 -11.43 27.09
CA SER A 124 1.47 -10.90 28.15
C SER A 124 1.47 -11.94 29.28
N PHE A 125 2.66 -12.43 29.63
CA PHE A 125 2.77 -13.49 30.62
C PHE A 125 1.89 -14.68 30.23
N GLY A 126 1.81 -14.95 28.93
CA GLY A 126 1.06 -16.08 28.42
C GLY A 126 -0.44 -15.88 28.35
N LYS A 127 -0.94 -14.70 28.72
CA LYS A 127 -2.37 -14.41 28.67
C LYS A 127 -2.68 -13.49 27.50
N GLN A 128 -3.75 -13.80 26.79
CA GLN A 128 -4.22 -12.92 25.72
C GLN A 128 -4.67 -11.59 26.30
N VAL A 129 -4.14 -10.49 25.74
CA VAL A 129 -4.56 -9.16 26.18
C VAL A 129 -5.26 -8.37 25.08
N VAL A 130 -5.07 -8.74 23.81
CA VAL A 130 -5.72 -8.12 22.66
C VAL A 130 -5.77 -9.17 21.57
N GLU A 131 -6.84 -9.19 20.79
CA GLU A 131 -6.83 -9.95 19.54
C GLU A 131 -7.35 -9.06 18.42
N LYS A 132 -6.63 -9.05 17.31
CA LYS A 132 -7.04 -8.34 16.10
C LYS A 132 -7.45 -9.40 15.10
N VAL A 133 -8.62 -9.23 14.47
CA VAL A 133 -9.09 -10.17 13.47
C VAL A 133 -9.42 -9.41 12.19
N GLU A 134 -8.83 -9.85 11.08
CA GLU A 134 -9.07 -9.24 9.77
C GLU A 134 -9.41 -10.33 8.77
N THR A 135 -10.40 -10.10 7.93
CA THR A 135 -10.76 -11.06 6.88
C THR A 135 -10.39 -10.49 5.53
N GLU A 136 -9.72 -11.28 4.70
CA GLU A 136 -9.23 -10.80 3.42
C GLU A 136 -9.72 -11.70 2.30
N TYR A 137 -10.25 -11.10 1.25
CA TYR A 137 -10.56 -11.82 0.00
C TYR A 137 -9.37 -11.76 -0.96
N ALA A 138 -9.30 -12.75 -1.85
CA ALA A 138 -8.20 -12.85 -2.78
C ALA A 138 -8.35 -11.83 -3.93
N ARG A 139 -7.21 -11.38 -4.47
CA ARG A 139 -7.15 -10.71 -5.76
C ARG A 139 -6.30 -11.56 -6.69
N PHE A 140 -6.80 -11.83 -7.90
CA PHE A 140 -5.98 -12.49 -8.90
C PHE A 140 -4.95 -11.50 -9.44
N GLU A 141 -3.68 -11.90 -9.45
CA GLU A 141 -2.61 -11.00 -9.89
C GLU A 141 -1.53 -11.86 -10.54
N ASN A 142 -1.38 -11.72 -11.86
CA ASN A 142 -0.39 -12.43 -12.67
C ASN A 142 -0.27 -13.90 -12.26
N GLY A 143 -1.38 -14.62 -12.41
CA GLY A 143 -1.37 -16.06 -12.33
C GLY A 143 -1.44 -16.65 -10.94
N ARG A 144 -1.54 -15.84 -9.89
CA ARG A 144 -1.79 -16.40 -8.57
C ARG A 144 -2.69 -15.45 -7.77
N PHE A 145 -3.00 -15.84 -6.55
CA PHE A 145 -3.92 -15.10 -5.69
C PHE A 145 -3.14 -14.42 -4.60
N VAL A 146 -3.33 -13.10 -4.48
CA VAL A 146 -2.57 -12.27 -3.56
C VAL A 146 -3.51 -11.70 -2.49
N TYR A 147 -3.05 -11.72 -1.24
CA TYR A 147 -3.81 -11.21 -0.10
C TYR A 147 -2.97 -10.13 0.56
N ARG A 148 -3.28 -8.87 0.29
CA ARG A 148 -2.51 -7.74 0.81
C ARG A 148 -3.28 -7.03 1.91
N ILE A 149 -2.62 -6.86 3.05
CA ILE A 149 -3.11 -6.01 4.15
C ILE A 149 -2.28 -4.73 4.09
N ASN A 150 -2.93 -3.64 3.71
CA ASN A 150 -2.24 -2.37 3.62
C ASN A 150 -2.69 -1.46 4.75
N ARG A 151 -1.73 -0.91 5.48
CA ARG A 151 -1.99 0.08 6.51
C ARG A 151 -3.06 -0.37 7.51
N SER A 152 -2.86 -1.55 8.08
CA SER A 152 -3.72 -2.00 9.17
C SER A 152 -3.26 -1.34 10.48
N PRO A 153 -4.12 -0.60 11.17
CA PRO A 153 -3.66 0.15 12.36
C PRO A 153 -3.30 -0.79 13.50
N MET A 154 -2.22 -0.45 14.22
CA MET A 154 -1.89 -1.10 15.49
C MET A 154 -2.99 -0.90 16.51
N CYS A 155 -3.09 -1.85 17.43
CA CYS A 155 -3.95 -1.69 18.59
C CYS A 155 -3.31 -0.73 19.59
N GLU A 156 -4.17 -0.06 20.37
CA GLU A 156 -3.68 0.89 21.38
C GLU A 156 -2.67 0.23 22.30
N TYR A 157 -2.85 -1.05 22.60
CA TYR A 157 -1.94 -1.73 23.52
C TYR A 157 -0.51 -1.72 22.98
N MET A 158 -0.33 -1.98 21.69
CA MET A 158 1.02 -1.97 21.12
C MET A 158 1.61 -0.55 21.10
N ILE A 159 0.78 0.45 20.82
CA ILE A 159 1.32 1.81 20.77
C ILE A 159 1.84 2.18 22.15
N ASN A 160 1.04 1.94 23.17
CA ASN A 160 1.48 2.22 24.54
C ASN A 160 2.71 1.39 24.90
N PHE A 161 2.71 0.12 24.52
CA PHE A 161 3.83 -0.76 24.85
C PHE A 161 5.13 -0.26 24.24
N ILE A 162 5.09 0.14 22.96
CA ILE A 162 6.27 0.68 22.30
C ILE A 162 6.78 1.92 23.03
N HIS A 163 5.87 2.81 23.42
CA HIS A 163 6.26 4.01 24.15
C HIS A 163 6.97 3.66 25.45
N LYS A 164 6.42 2.70 26.20
CA LYS A 164 7.01 2.33 27.49
C LYS A 164 8.39 1.70 27.32
N LEU A 165 8.55 0.80 26.36
CA LEU A 165 9.87 0.23 26.09
C LEU A 165 10.87 1.32 25.77
N LYS A 166 10.49 2.26 24.90
CA LYS A 166 11.43 3.28 24.43
C LYS A 166 11.89 4.17 25.56
N HIS A 167 11.12 4.26 26.64
CA HIS A 167 11.51 5.08 27.78
C HIS A 167 12.66 4.45 28.56
N LEU A 168 12.91 3.14 28.39
CA LEU A 168 13.95 2.49 29.18
C LEU A 168 15.33 2.91 28.66
N PRO A 169 16.32 3.09 29.54
CA PRO A 169 17.61 3.63 29.13
C PRO A 169 18.57 2.61 28.51
N GLU A 170 18.33 1.31 28.66
CA GLU A 170 19.28 0.31 28.15
C GLU A 170 18.52 -0.78 27.43
N LYS A 171 19.10 -1.26 26.33
CA LYS A 171 18.44 -2.32 25.55
C LYS A 171 18.28 -3.59 26.37
N TYR A 172 19.22 -3.90 27.27
CA TYR A 172 19.03 -5.10 28.09
C TYR A 172 17.82 -4.97 29.02
N MET A 173 17.44 -3.74 29.42
CA MET A 173 16.21 -3.65 30.19
C MET A 173 14.99 -3.87 29.30
N MET A 174 15.03 -3.40 28.06
CA MET A 174 13.90 -3.71 27.17
C MET A 174 13.77 -5.20 26.92
N ASN A 175 14.91 -5.88 26.77
CA ASN A 175 14.89 -7.32 26.53
C ASN A 175 14.26 -8.08 27.71
N SER A 176 14.54 -7.65 28.94
CA SER A 176 13.94 -8.30 30.10
C SER A 176 12.43 -8.16 30.08
N VAL A 177 11.93 -6.97 29.76
CA VAL A 177 10.50 -6.75 29.63
C VAL A 177 9.93 -7.61 28.52
N LEU A 178 10.64 -7.72 27.40
CA LEU A 178 10.12 -8.46 26.25
C LEU A 178 10.07 -9.96 26.51
N GLU A 179 10.74 -10.45 27.56
CA GLU A 179 10.72 -11.88 27.84
C GLU A 179 9.30 -12.41 28.00
N ASN A 180 8.39 -11.56 28.47
CA ASN A 180 7.02 -11.99 28.74
C ASN A 180 6.01 -11.43 27.75
N PHE A 181 6.46 -10.97 26.58
CA PHE A 181 5.61 -10.43 25.53
C PHE A 181 5.73 -11.32 24.30
N THR A 182 4.59 -11.77 23.77
CA THR A 182 4.62 -12.61 22.58
C THR A 182 3.44 -12.28 21.69
N ILE A 183 3.56 -12.67 20.43
CA ILE A 183 2.49 -12.47 19.46
C ILE A 183 2.20 -13.81 18.79
N LEU A 184 0.91 -14.15 18.69
CA LEU A 184 0.49 -15.37 17.98
C LEU A 184 -0.35 -14.97 16.76
N LEU A 185 0.19 -15.20 15.56
CA LEU A 185 -0.53 -15.00 14.32
C LEU A 185 -1.07 -16.34 13.82
N VAL A 186 -2.35 -16.40 13.53
CA VAL A 186 -2.97 -17.60 12.97
C VAL A 186 -3.76 -17.15 11.76
N VAL A 187 -3.43 -17.68 10.58
CA VAL A 187 -4.14 -17.40 9.34
C VAL A 187 -4.94 -18.65 8.99
N THR A 188 -6.25 -18.50 8.81
CA THR A 188 -7.16 -19.61 8.62
C THR A 188 -7.94 -19.42 7.33
N ASN A 189 -8.27 -20.54 6.68
CA ASN A 189 -9.25 -20.49 5.60
C ASN A 189 -10.62 -20.28 6.22
N ARG A 190 -11.25 -19.14 5.93
CA ARG A 190 -12.47 -18.78 6.64
C ARG A 190 -13.57 -19.82 6.44
N ASP A 191 -13.68 -20.36 5.22
CA ASP A 191 -14.79 -21.27 4.90
C ASP A 191 -14.58 -22.68 5.48
N THR A 192 -13.33 -23.15 5.53
CA THR A 192 -13.04 -24.52 5.96
C THR A 192 -12.44 -24.60 7.35
N GLN A 193 -12.00 -23.49 7.92
CA GLN A 193 -11.35 -23.44 9.23
C GLN A 193 -9.99 -24.12 9.24
N GLU A 194 -9.43 -24.45 8.08
CA GLU A 194 -8.07 -25.00 8.03
C GLU A 194 -7.03 -23.96 8.43
N THR A 195 -6.04 -24.37 9.23
CA THR A 195 -4.94 -23.47 9.56
C THR A 195 -3.99 -23.40 8.38
N LEU A 196 -3.81 -22.20 7.84
CA LEU A 196 -2.96 -22.00 6.68
C LEU A 196 -1.54 -21.63 7.08
N LEU A 197 -1.39 -20.92 8.18
CA LEU A 197 -0.10 -20.47 8.66
C LEU A 197 -0.27 -20.11 10.13
N CYS A 198 0.68 -20.50 10.96
CA CYS A 198 0.69 -20.05 12.35
C CYS A 198 2.09 -19.62 12.70
N MET A 199 2.25 -18.39 13.15
CA MET A 199 3.56 -17.89 13.56
C MET A 199 3.50 -17.50 15.03
N ALA A 200 4.30 -18.17 15.85
CA ALA A 200 4.47 -17.80 17.25
C ALA A 200 5.70 -16.90 17.30
N CYS A 201 5.54 -15.69 17.82
CA CYS A 201 6.55 -14.65 17.64
C CYS A 201 7.10 -14.23 19.00
N VAL A 202 8.43 -14.17 19.11
CA VAL A 202 9.10 -13.71 20.32
C VAL A 202 10.05 -12.59 19.91
N PHE A 203 10.44 -11.77 20.90
CA PHE A 203 11.05 -10.49 20.60
C PHE A 203 12.22 -10.14 21.51
N GLU A 204 13.25 -9.55 20.91
CA GLU A 204 14.28 -8.78 21.59
C GLU A 204 14.45 -7.46 20.83
N VAL A 205 15.31 -6.59 21.33
CA VAL A 205 15.65 -5.36 20.63
C VAL A 205 16.94 -5.59 19.86
N SER A 206 16.98 -5.12 18.62
CA SER A 206 18.20 -5.23 17.83
C SER A 206 19.29 -4.31 18.38
N ASN A 207 20.52 -4.80 18.39
CA ASN A 207 21.67 -3.93 18.60
C ASN A 207 22.52 -3.81 17.35
N SER A 208 22.04 -4.30 16.22
CA SER A 208 22.71 -4.18 14.93
C SER A 208 22.57 -2.76 14.41
N GLY A 211 19.66 -2.40 11.51
CA GLY A 211 18.24 -2.23 11.75
C GLY A 211 17.62 -3.43 12.45
N ALA A 212 16.52 -3.94 11.89
CA ALA A 212 15.78 -5.03 12.48
C ALA A 212 16.19 -6.36 11.83
N GLN A 213 16.13 -7.43 12.61
CA GLN A 213 16.49 -8.76 12.15
C GLN A 213 15.42 -9.76 12.58
N HIS A 214 15.46 -10.95 11.97
CA HIS A 214 14.57 -12.03 12.36
C HIS A 214 15.20 -13.37 12.00
N HIS A 215 14.77 -14.41 12.69
CA HIS A 215 15.11 -15.78 12.37
C HIS A 215 13.85 -16.63 12.47
N ILE A 216 13.63 -17.50 11.49
CA ILE A 216 12.42 -18.33 11.43
C ILE A 216 12.79 -19.78 11.70
N TYR A 217 11.99 -20.45 12.53
CA TYR A 217 12.15 -21.87 12.83
C TYR A 217 10.84 -22.60 12.57
N ARG A 218 10.95 -23.87 12.27
CA ARG A 218 9.78 -24.74 12.23
C ARG A 218 9.43 -25.21 13.64
N LEU A 219 8.14 -25.17 13.99
CA LEU A 219 7.70 -25.77 15.25
C LEU A 219 7.42 -27.26 15.06
N VAL A 220 7.94 -28.08 15.96
CA VAL A 220 7.74 -29.54 15.89
C VAL A 220 7.37 -30.16 17.25
N GLY B 1 -21.47 28.06 -22.82
CA GLY B 1 -20.91 28.59 -21.58
C GLY B 1 -20.68 27.53 -20.51
N PRO B 2 -19.83 27.82 -19.53
CA PRO B 2 -19.57 26.85 -18.45
C PRO B 2 -20.82 26.59 -17.62
N HIS B 3 -21.02 25.32 -17.26
CA HIS B 3 -22.13 24.92 -16.41
C HIS B 3 -21.58 24.18 -15.21
N MET B 4 -22.20 24.41 -14.06
CA MET B 4 -21.84 23.74 -12.82
C MET B 4 -22.97 22.77 -12.45
N ARG B 5 -22.64 21.49 -12.35
CA ARG B 5 -23.59 20.39 -12.31
C ARG B 5 -23.05 19.27 -11.45
N SER B 6 -23.96 18.48 -10.86
CA SER B 6 -23.56 17.21 -10.28
C SER B 6 -23.15 16.24 -11.38
N ILE B 7 -22.26 15.30 -11.04
CA ILE B 7 -21.80 14.32 -12.02
C ILE B 7 -22.76 13.14 -12.17
N GLY B 8 -23.63 12.92 -11.18
CA GLY B 8 -24.41 11.71 -11.17
C GLY B 8 -23.58 10.55 -10.64
N THR B 9 -23.94 9.34 -11.04
CA THR B 9 -23.20 8.16 -10.68
C THR B 9 -22.39 7.69 -11.86
N THR B 10 -21.17 7.22 -11.60
CA THR B 10 -20.38 6.52 -12.60
C THR B 10 -20.23 5.08 -12.16
N LYS B 11 -19.69 4.25 -13.05
CA LYS B 11 -19.44 2.88 -12.67
C LYS B 11 -18.16 2.73 -11.87
N LEU B 12 -17.27 3.70 -11.93
CA LEU B 12 -15.98 3.59 -11.26
C LEU B 12 -15.64 4.94 -10.65
N ARG B 13 -15.20 4.94 -9.40
CA ARG B 13 -14.80 6.14 -8.70
C ARG B 13 -13.31 6.10 -8.40
N LEU B 14 -12.63 7.24 -8.56
CA LEU B 14 -11.27 7.40 -8.09
C LEU B 14 -11.31 7.86 -6.65
N VAL B 15 -10.68 7.11 -5.75
CA VAL B 15 -10.73 7.43 -4.34
C VAL B 15 -9.42 7.99 -3.82
N GLU B 16 -8.28 7.57 -4.39
CA GLU B 16 -6.96 8.03 -3.95
C GLU B 16 -5.99 7.99 -5.12
N PHE B 17 -5.09 8.97 -5.17
CA PHE B 17 -3.99 8.93 -6.11
C PHE B 17 -2.84 9.73 -5.49
N SER B 18 -1.63 9.21 -5.61
CA SER B 18 -0.45 10.00 -5.25
C SER B 18 0.69 9.63 -6.17
N ALA B 19 1.55 10.62 -6.45
CA ALA B 19 2.83 10.39 -7.15
C ALA B 19 3.92 10.88 -6.22
N PHE B 20 4.95 10.06 -6.01
CA PHE B 20 5.84 10.31 -4.89
C PHE B 20 7.27 9.89 -5.20
N LEU B 21 8.17 10.45 -4.42
CA LEU B 21 9.56 10.01 -4.36
C LEU B 21 9.83 9.51 -2.96
N GLU B 22 10.29 8.26 -2.87
CA GLU B 22 10.62 7.63 -1.59
C GLU B 22 12.12 7.36 -1.57
N GLN B 23 12.78 7.86 -0.53
CA GLN B 23 14.24 7.73 -0.42
C GLN B 23 14.58 7.01 0.87
N GLN B 24 15.56 6.12 0.78
CA GLN B 24 15.95 5.28 1.91
C GLN B 24 17.04 5.98 2.69
N ARG B 25 16.72 6.39 3.93
CA ARG B 25 17.68 7.07 4.79
C ARG B 25 18.53 6.09 5.59
N ASP B 26 17.90 5.05 6.14
CA ASP B 26 18.55 3.97 6.89
C ASP B 26 17.90 2.67 6.47
N PRO B 27 18.40 1.52 6.93
CA PRO B 27 17.76 0.26 6.55
C PRO B 27 16.29 0.19 6.97
N ASP B 28 15.92 0.91 8.03
CA ASP B 28 14.56 0.90 8.58
C ASP B 28 13.90 2.26 8.49
N SER B 29 14.41 3.18 7.68
CA SER B 29 13.95 4.56 7.72
C SER B 29 13.77 5.09 6.31
N TYR B 30 12.60 5.66 6.03
CA TYR B 30 12.15 6.02 4.70
C TYR B 30 11.55 7.43 4.74
N ASN B 31 11.85 8.24 3.73
CA ASN B 31 11.24 9.55 3.58
C ASN B 31 10.47 9.56 2.27
N LYS B 32 9.24 10.06 2.31
CA LYS B 32 8.37 10.09 1.14
C LYS B 32 7.92 11.52 0.89
N HIS B 33 8.10 11.97 -0.35
CA HIS B 33 7.66 13.29 -0.77
C HIS B 33 6.58 13.13 -1.82
N LEU B 34 5.44 13.77 -1.60
CA LEU B 34 4.35 13.73 -2.57
C LEU B 34 4.45 14.92 -3.53
N PHE B 35 4.44 14.62 -4.84
CA PHE B 35 4.42 15.68 -5.86
C PHE B 35 3.02 16.18 -6.13
N VAL B 36 2.07 15.25 -6.26
CA VAL B 36 0.66 15.55 -6.49
C VAL B 36 -0.13 14.47 -5.78
N HIS B 37 -1.38 14.78 -5.43
CA HIS B 37 -2.23 13.76 -4.82
C HIS B 37 -3.70 14.16 -4.93
N ILE B 38 -4.57 13.15 -4.89
CA ILE B 38 -6.02 13.32 -4.81
C ILE B 38 -6.55 12.41 -3.72
N GLY B 39 -7.58 12.88 -2.99
CA GLY B 39 -8.24 12.06 -2.01
C GLY B 39 -7.60 12.05 -0.64
N HIS B 40 -6.59 12.89 -0.42
CA HIS B 40 -5.96 13.01 0.89
C HIS B 40 -6.62 14.13 1.67
N PRO B 48 -20.68 16.08 -5.51
CA PRO B 48 -20.38 17.51 -5.51
C PRO B 48 -20.66 18.17 -6.84
N LEU B 49 -20.75 19.50 -6.85
CA LEU B 49 -20.97 20.24 -8.08
C LEU B 49 -19.63 20.55 -8.72
N LEU B 50 -19.51 20.27 -10.01
CA LEU B 50 -18.30 20.52 -10.76
C LEU B 50 -18.60 21.45 -11.93
N GLU B 51 -17.74 22.44 -12.13
CA GLU B 51 -17.83 23.29 -13.30
C GLU B 51 -17.25 22.58 -14.52
N SER B 52 -17.61 23.08 -15.70
CA SER B 52 -17.22 22.42 -16.95
C SER B 52 -16.05 23.14 -17.61
N VAL B 53 -15.27 22.39 -18.38
CA VAL B 53 -14.31 22.91 -19.34
C VAL B 53 -14.65 22.28 -20.68
N ASP B 54 -14.68 23.09 -21.75
CA ASP B 54 -14.97 22.59 -23.08
C ASP B 54 -13.76 21.87 -23.69
N ILE B 55 -14.00 20.74 -24.35
CA ILE B 55 -12.88 20.07 -25.00
C ILE B 55 -12.20 20.99 -26.00
N ARG B 56 -12.95 21.93 -26.61
CA ARG B 56 -12.32 22.89 -27.52
C ARG B 56 -11.25 23.71 -26.83
N GLN B 57 -11.38 23.89 -25.52
CA GLN B 57 -10.38 24.67 -24.80
C GLN B 57 -9.09 23.92 -24.58
N ILE B 58 -9.10 22.58 -24.71
CA ILE B 58 -8.00 21.71 -24.34
C ILE B 58 -7.54 20.81 -25.48
N TYR B 59 -8.18 20.93 -26.65
CA TYR B 59 -8.03 19.96 -27.73
C TYR B 59 -6.58 19.69 -28.06
N ASP B 60 -5.80 20.76 -28.28
CA ASP B 60 -4.44 20.65 -28.77
C ASP B 60 -3.44 20.31 -27.68
N LYS B 61 -3.91 20.10 -26.45
CA LYS B 61 -3.06 19.68 -25.35
C LYS B 61 -3.08 18.17 -25.15
N PHE B 62 -3.85 17.45 -25.95
CA PHE B 62 -3.97 16.01 -25.77
C PHE B 62 -4.01 15.37 -27.16
N PRO B 63 -3.68 14.08 -27.24
CA PRO B 63 -3.70 13.40 -28.55
C PRO B 63 -5.10 13.47 -29.15
N GLU B 64 -5.15 13.67 -30.47
CA GLU B 64 -6.42 13.80 -31.16
C GLU B 64 -6.45 12.98 -32.45
N LYS B 65 -5.51 12.07 -32.63
CA LYS B 65 -5.56 11.13 -33.73
C LYS B 65 -6.54 10.02 -33.33
N LYS B 66 -6.54 8.91 -34.05
CA LYS B 66 -7.53 7.89 -33.76
C LYS B 66 -7.33 7.34 -32.36
N GLY B 67 -8.44 7.12 -31.66
CA GLY B 67 -8.34 6.82 -30.25
C GLY B 67 -7.99 8.00 -29.39
N GLY B 68 -8.02 9.21 -29.95
CA GLY B 68 -7.70 10.41 -29.20
C GLY B 68 -8.81 10.85 -28.27
N LEU B 69 -8.57 11.99 -27.62
CA LEU B 69 -9.49 12.46 -26.58
C LEU B 69 -10.85 12.82 -27.15
N LYS B 70 -10.88 13.57 -28.26
CA LYS B 70 -12.18 13.95 -28.82
C LYS B 70 -12.95 12.72 -29.27
N GLU B 71 -12.27 11.76 -29.91
CA GLU B 71 -12.91 10.50 -30.27
C GLU B 71 -13.46 9.77 -29.06
N LEU B 72 -12.64 9.61 -28.01
CA LEU B 72 -13.11 8.92 -26.80
C LEU B 72 -14.30 9.63 -26.19
N PHE B 73 -14.23 10.95 -26.06
CA PHE B 73 -15.34 11.70 -25.49
C PHE B 73 -16.61 11.49 -26.29
N GLY B 74 -16.49 11.52 -27.62
CA GLY B 74 -17.65 11.33 -28.47
C GLY B 74 -18.31 9.98 -28.24
N LYS B 75 -17.49 8.96 -27.94
CA LYS B 75 -18.01 7.62 -27.71
C LYS B 75 -18.66 7.50 -26.34
N GLY B 76 -18.26 8.32 -25.36
CA GLY B 76 -18.89 8.33 -24.05
C GLY B 76 -18.56 7.12 -23.19
N PRO B 77 -19.22 6.99 -22.01
CA PRO B 77 -20.25 7.91 -21.50
C PRO B 77 -19.59 9.19 -21.04
N GLN B 78 -20.20 10.31 -21.41
CA GLN B 78 -19.53 11.60 -21.25
C GLN B 78 -19.48 12.06 -19.80
N ASN B 79 -20.32 11.49 -18.94
CA ASN B 79 -20.24 11.88 -17.53
C ASN B 79 -19.03 11.25 -16.84
N ALA B 80 -18.24 10.44 -17.54
CA ALA B 80 -17.04 9.84 -17.00
C ALA B 80 -15.78 10.64 -17.32
N PHE B 81 -15.91 11.82 -17.93
CA PHE B 81 -14.75 12.54 -18.45
C PHE B 81 -14.50 13.82 -17.63
N PHE B 82 -13.25 14.01 -17.21
CA PHE B 82 -12.88 15.10 -16.33
C PHE B 82 -11.60 15.77 -16.80
N LEU B 83 -11.47 17.05 -16.46
CA LEU B 83 -10.19 17.76 -16.55
C LEU B 83 -9.74 18.04 -15.13
N VAL B 84 -8.52 17.64 -14.80
CA VAL B 84 -7.98 17.86 -13.47
C VAL B 84 -6.81 18.82 -13.62
N LYS B 85 -6.83 19.90 -12.86
CA LYS B 85 -5.71 20.82 -12.77
C LYS B 85 -4.93 20.50 -11.51
N PHE B 86 -3.62 20.30 -11.65
CA PHE B 86 -2.74 20.00 -10.53
C PHE B 86 -1.76 21.14 -10.29
N TRP B 87 -1.53 21.47 -9.02
CA TRP B 87 -0.44 22.33 -8.58
C TRP B 87 0.56 21.41 -7.87
N ALA B 88 1.69 21.16 -8.52
CA ALA B 88 2.66 20.19 -8.01
C ALA B 88 3.62 20.79 -6.98
N ASP B 89 3.99 19.97 -6.00
CA ASP B 89 4.93 20.35 -4.95
C ASP B 89 6.32 19.84 -5.35
N LEU B 90 7.20 20.76 -5.70
CA LEU B 90 8.56 20.39 -6.11
C LEU B 90 9.60 20.70 -5.05
N ASN B 91 9.17 20.92 -3.81
CA ASN B 91 10.08 21.22 -2.70
C ASN B 91 10.56 19.91 -2.10
N CYS B 92 11.65 19.37 -2.65
CA CYS B 92 12.25 18.15 -2.12
C CYS B 92 13.72 18.14 -2.49
N ASN B 93 14.47 17.27 -1.80
CA ASN B 93 15.87 17.05 -2.10
C ASN B 93 16.03 15.68 -2.75
N ILE B 94 16.64 15.65 -3.92
CA ILE B 94 16.85 14.40 -4.64
C ILE B 94 18.30 13.94 -4.45
N ALA B 100 16.61 5.68 -4.39
CA ALA B 100 15.35 6.41 -4.51
C ALA B 100 14.36 5.64 -5.36
N PHE B 101 13.09 5.73 -5.00
CA PHE B 101 12.04 5.07 -5.76
C PHE B 101 11.00 6.11 -6.11
N TYR B 102 10.79 6.32 -7.40
CA TYR B 102 9.75 7.19 -7.94
C TYR B 102 8.54 6.33 -8.29
N GLY B 103 7.39 6.63 -7.68
CA GLY B 103 6.24 5.76 -7.87
C GLY B 103 4.90 6.45 -7.77
N VAL B 104 3.85 5.67 -8.06
CA VAL B 104 2.47 6.14 -8.03
C VAL B 104 1.63 5.14 -7.25
N THR B 105 0.69 5.66 -6.46
CA THR B 105 -0.32 4.82 -5.86
C THR B 105 -1.69 5.32 -6.32
N SER B 106 -2.63 4.38 -6.42
CA SER B 106 -3.98 4.81 -6.77
C SER B 106 -4.97 3.77 -6.29
N GLN B 107 -6.19 4.21 -6.07
CA GLN B 107 -7.26 3.32 -5.66
C GLN B 107 -8.54 3.77 -6.33
N TYR B 108 -9.23 2.81 -6.98
CA TYR B 108 -10.54 3.00 -7.56
C TYR B 108 -11.51 2.03 -6.90
N GLU B 109 -12.82 2.35 -6.99
CA GLU B 109 -13.84 1.51 -6.40
C GLU B 109 -15.07 1.41 -7.30
N SER B 110 -15.72 0.25 -7.23
CA SER B 110 -16.94 0.04 -8.01
C SER B 110 -17.91 -0.81 -7.21
N SER B 111 -19.18 -0.79 -7.60
CA SER B 111 -20.11 -1.68 -6.92
C SER B 111 -20.18 -3.05 -7.56
N GLU B 112 -19.69 -3.19 -8.77
CA GLU B 112 -19.74 -4.41 -9.55
C GLU B 112 -18.32 -4.93 -9.78
N ASN B 113 -18.19 -6.24 -9.92
CA ASN B 113 -16.89 -6.83 -10.21
C ASN B 113 -16.56 -6.56 -11.67
N MET B 114 -15.50 -5.82 -11.91
CA MET B 114 -14.95 -5.69 -13.25
C MET B 114 -13.45 -5.92 -13.29
N THR B 115 -12.94 -6.22 -14.48
CA THR B 115 -11.50 -6.20 -14.70
C THR B 115 -11.22 -4.95 -15.50
N VAL B 116 -10.29 -4.12 -15.03
CA VAL B 116 -10.09 -2.82 -15.64
C VAL B 116 -8.67 -2.73 -16.18
N THR B 117 -8.52 -1.93 -17.22
CA THR B 117 -7.21 -1.58 -17.76
C THR B 117 -7.00 -0.09 -17.62
N CYS B 118 -5.92 0.30 -16.98
CA CYS B 118 -5.58 1.71 -16.81
C CYS B 118 -4.47 2.08 -17.78
N SER B 119 -4.74 3.07 -18.61
CA SER B 119 -3.78 3.62 -19.56
C SER B 119 -3.44 5.03 -19.11
N THR B 120 -2.16 5.28 -18.91
CA THR B 120 -1.65 6.61 -18.59
C THR B 120 -0.72 7.06 -19.70
N LYS B 121 -1.12 8.10 -20.44
CA LYS B 121 -0.31 8.63 -21.54
C LYS B 121 0.32 9.94 -21.10
N VAL B 122 1.65 10.00 -21.18
CA VAL B 122 2.40 11.23 -20.96
C VAL B 122 2.45 11.96 -22.29
N CYS B 123 2.13 13.24 -22.29
CA CYS B 123 2.08 14.03 -23.51
C CYS B 123 2.94 15.27 -23.40
N SER B 124 3.62 15.59 -24.51
CA SER B 124 4.42 16.80 -24.65
C SER B 124 3.88 17.57 -25.84
N PHE B 125 3.40 18.79 -25.62
CA PHE B 125 2.77 19.59 -26.67
C PHE B 125 1.64 18.80 -27.33
N GLY B 126 0.87 18.09 -26.51
CA GLY B 126 -0.27 17.33 -26.98
C GLY B 126 0.05 16.01 -27.68
N LYS B 127 1.33 15.68 -27.85
CA LYS B 127 1.74 14.42 -28.48
C LYS B 127 2.14 13.39 -27.44
N GLN B 128 1.69 12.16 -27.64
CA GLN B 128 2.03 11.07 -26.73
C GLN B 128 3.51 10.74 -26.80
N VAL B 129 4.19 10.70 -25.66
CA VAL B 129 5.60 10.35 -25.61
C VAL B 129 5.89 9.09 -24.81
N VAL B 130 4.98 8.64 -23.95
CA VAL B 130 5.08 7.35 -23.25
C VAL B 130 3.67 6.94 -22.89
N GLU B 131 3.41 5.65 -22.84
CA GLU B 131 2.15 5.15 -22.28
C GLU B 131 2.45 4.03 -21.29
N LYS B 132 1.82 4.09 -20.13
CA LYS B 132 1.85 3.00 -19.16
C LYS B 132 0.50 2.30 -19.23
N VAL B 133 0.50 0.97 -19.26
CA VAL B 133 -0.75 0.21 -19.26
C VAL B 133 -0.70 -0.81 -18.14
N GLU B 134 -1.75 -0.84 -17.30
CA GLU B 134 -1.80 -1.81 -16.21
C GLU B 134 -3.21 -2.38 -16.16
N THR B 135 -3.31 -3.70 -16.06
CA THR B 135 -4.61 -4.37 -15.91
C THR B 135 -4.79 -4.83 -14.47
N GLU B 136 -5.98 -4.60 -13.93
CA GLU B 136 -6.29 -4.85 -12.52
C GLU B 136 -7.54 -5.71 -12.41
N TYR B 137 -7.42 -6.90 -11.84
CA TYR B 137 -8.62 -7.63 -11.48
C TYR B 137 -9.16 -7.07 -10.17
N ALA B 138 -10.47 -7.20 -9.95
CA ALA B 138 -11.12 -6.64 -8.79
C ALA B 138 -10.79 -7.41 -7.52
N ARG B 139 -10.88 -6.74 -6.38
CA ARG B 139 -10.86 -7.40 -5.08
C ARG B 139 -12.04 -6.94 -4.26
N PHE B 140 -12.81 -7.88 -3.70
CA PHE B 140 -13.88 -7.50 -2.80
C PHE B 140 -13.30 -7.05 -1.46
N GLU B 141 -13.79 -5.91 -0.95
CA GLU B 141 -13.27 -5.30 0.27
C GLU B 141 -14.40 -4.51 0.91
N ASN B 142 -14.85 -4.92 2.09
CA ASN B 142 -15.81 -4.14 2.88
C ASN B 142 -16.99 -3.65 2.03
N GLY B 143 -17.66 -4.59 1.38
CA GLY B 143 -18.90 -4.29 0.73
C GLY B 143 -18.82 -3.74 -0.66
N ARG B 144 -17.63 -3.57 -1.23
CA ARG B 144 -17.51 -3.12 -2.61
C ARG B 144 -16.25 -3.70 -3.23
N PHE B 145 -16.02 -3.37 -4.48
CA PHE B 145 -14.86 -3.86 -5.22
C PHE B 145 -13.81 -2.77 -5.31
N VAL B 146 -12.56 -3.12 -4.97
CA VAL B 146 -11.47 -2.15 -4.89
C VAL B 146 -10.39 -2.53 -5.89
N TYR B 147 -9.78 -1.53 -6.53
CA TYR B 147 -8.69 -1.70 -7.49
C TYR B 147 -7.56 -0.81 -7.00
N ARG B 148 -6.55 -1.43 -6.39
CA ARG B 148 -5.49 -0.71 -5.69
C ARG B 148 -4.16 -0.99 -6.37
N ILE B 149 -3.49 0.07 -6.80
CA ILE B 149 -2.14 0.01 -7.35
C ILE B 149 -1.23 0.60 -6.29
N ASN B 150 -0.41 -0.25 -5.67
CA ASN B 150 0.61 0.20 -4.73
C ASN B 150 1.95 0.22 -5.44
N ARG B 151 2.65 1.34 -5.32
CA ARG B 151 4.04 1.43 -5.70
C ARG B 151 4.27 1.04 -7.17
N SER B 152 3.48 1.64 -8.06
CA SER B 152 3.72 1.45 -9.48
C SER B 152 4.88 2.33 -9.90
N PRO B 153 5.95 1.78 -10.48
CA PRO B 153 7.12 2.62 -10.79
C PRO B 153 6.81 3.66 -11.85
N MET B 154 7.38 4.85 -11.67
CA MET B 154 7.30 5.86 -12.72
C MET B 154 8.13 5.43 -13.93
N CYS B 155 7.71 5.91 -15.10
CA CYS B 155 8.50 5.75 -16.32
C CYS B 155 9.70 6.68 -16.30
N GLU B 156 10.75 6.25 -17.00
CA GLU B 156 12.00 7.03 -16.99
C GLU B 156 11.78 8.45 -17.49
N TYR B 157 10.80 8.64 -18.37
CA TYR B 157 10.54 9.98 -18.87
C TYR B 157 10.16 10.91 -17.73
N MET B 158 9.28 10.44 -16.85
CA MET B 158 8.89 11.26 -15.69
C MET B 158 10.05 11.49 -14.74
N ILE B 159 10.84 10.47 -14.47
CA ILE B 159 11.96 10.65 -13.57
C ILE B 159 12.88 11.72 -14.11
N ASN B 160 13.18 11.64 -15.41
CA ASN B 160 14.05 12.64 -16.05
C ASN B 160 13.38 14.00 -16.07
N PHE B 161 12.08 14.04 -16.33
CA PHE B 161 11.34 15.30 -16.35
C PHE B 161 11.40 15.97 -14.98
N ILE B 162 11.23 15.21 -13.91
CA ILE B 162 11.28 15.82 -12.58
C ILE B 162 12.68 16.36 -12.30
N HIS B 163 13.72 15.59 -12.65
CA HIS B 163 15.09 16.09 -12.47
C HIS B 163 15.31 17.41 -13.19
N LYS B 164 14.78 17.53 -14.41
CA LYS B 164 14.99 18.76 -15.17
C LYS B 164 14.25 19.93 -14.54
N LEU B 165 13.02 19.73 -14.06
CA LEU B 165 12.32 20.80 -13.36
C LEU B 165 13.09 21.25 -12.12
N LYS B 166 13.62 20.30 -11.36
CA LYS B 166 14.30 20.62 -10.11
C LYS B 166 15.54 21.47 -10.35
N HIS B 167 16.15 21.38 -11.53
CA HIS B 167 17.37 22.10 -11.84
C HIS B 167 17.12 23.51 -12.38
N LEU B 168 15.84 23.93 -12.50
CA LEU B 168 15.48 25.29 -12.90
C LEU B 168 15.46 26.20 -11.68
N PRO B 169 16.12 27.37 -11.74
CA PRO B 169 16.28 28.19 -10.53
C PRO B 169 14.99 28.75 -9.96
N GLU B 170 13.99 29.08 -10.78
CA GLU B 170 12.81 29.80 -10.30
C GLU B 170 11.54 29.09 -10.70
N LYS B 171 10.48 29.32 -9.91
CA LYS B 171 9.21 28.62 -10.13
C LYS B 171 8.53 29.05 -11.44
N TYR B 172 8.74 30.29 -11.87
CA TYR B 172 8.05 30.75 -13.07
C TYR B 172 8.55 30.02 -14.31
N MET B 173 9.83 29.67 -14.37
CA MET B 173 10.28 28.89 -15.51
C MET B 173 9.90 27.42 -15.40
N MET B 174 9.67 26.90 -14.20
CA MET B 174 9.06 25.59 -14.08
C MET B 174 7.69 25.58 -14.74
N ASN B 175 6.92 26.66 -14.56
CA ASN B 175 5.60 26.73 -15.17
C ASN B 175 5.69 26.77 -16.69
N SER B 176 6.74 27.40 -17.23
CA SER B 176 6.91 27.43 -18.68
C SER B 176 7.10 26.02 -19.22
N VAL B 177 7.88 25.19 -18.52
CA VAL B 177 8.04 23.81 -18.95
C VAL B 177 6.75 23.02 -18.73
N LEU B 178 6.08 23.24 -17.60
CA LEU B 178 4.88 22.47 -17.29
C LEU B 178 3.70 22.84 -18.18
N GLU B 179 3.74 24.00 -18.82
CA GLU B 179 2.59 24.43 -19.62
C GLU B 179 2.30 23.48 -20.77
N ASN B 180 3.32 22.77 -21.26
CA ASN B 180 3.16 21.88 -22.41
C ASN B 180 3.23 20.42 -22.00
N PHE B 181 3.05 20.13 -20.71
CA PHE B 181 3.12 18.78 -20.17
C PHE B 181 1.73 18.38 -19.72
N THR B 182 1.21 17.26 -20.24
CA THR B 182 -0.10 16.81 -19.80
C THR B 182 -0.08 15.29 -19.66
N ILE B 183 -1.07 14.79 -18.91
CA ILE B 183 -1.27 13.37 -18.71
C ILE B 183 -2.69 13.05 -19.10
N LEU B 184 -2.89 11.96 -19.82
CA LEU B 184 -4.24 11.49 -20.15
C LEU B 184 -4.42 10.10 -19.56
N LEU B 185 -5.34 9.97 -18.60
CA LEU B 185 -5.62 8.71 -17.93
C LEU B 185 -6.96 8.19 -18.47
N VAL B 186 -6.97 6.97 -18.98
CA VAL B 186 -8.22 6.34 -19.43
C VAL B 186 -8.30 4.98 -18.76
N VAL B 187 -9.39 4.73 -18.03
CA VAL B 187 -9.63 3.42 -17.41
C VAL B 187 -10.78 2.79 -18.17
N THR B 188 -10.57 1.57 -18.67
CA THR B 188 -11.56 0.88 -19.49
C THR B 188 -11.95 -0.43 -18.85
N ASN B 189 -13.18 -0.85 -19.10
CA ASN B 189 -13.61 -2.19 -18.73
C ASN B 189 -12.98 -3.17 -19.73
N ARG B 190 -12.04 -4.00 -19.28
CA ARG B 190 -11.33 -4.87 -20.22
C ARG B 190 -12.28 -5.86 -20.90
N ASP B 191 -13.38 -6.22 -20.24
CA ASP B 191 -14.28 -7.22 -20.80
C ASP B 191 -15.28 -6.65 -21.79
N THR B 192 -15.50 -5.34 -21.81
CA THR B 192 -16.47 -4.75 -22.72
C THR B 192 -15.88 -3.66 -23.60
N GLN B 193 -14.74 -3.11 -23.25
CA GLN B 193 -14.16 -1.92 -23.88
C GLN B 193 -14.87 -0.62 -23.52
N GLU B 194 -15.84 -0.63 -22.61
CA GLU B 194 -16.47 0.61 -22.15
C GLU B 194 -15.44 1.49 -21.46
N THR B 195 -15.45 2.79 -21.77
CA THR B 195 -14.66 3.73 -20.98
C THR B 195 -15.34 3.93 -19.63
N LEU B 196 -14.58 3.74 -18.54
CA LEU B 196 -15.11 3.88 -17.18
C LEU B 196 -14.77 5.23 -16.57
N LEU B 197 -13.61 5.78 -16.91
CA LEU B 197 -13.12 7.01 -16.30
C LEU B 197 -12.09 7.58 -17.26
N CYS B 198 -12.15 8.88 -17.49
CA CYS B 198 -11.11 9.52 -18.29
C CYS B 198 -10.75 10.82 -17.60
N MET B 199 -9.47 11.02 -17.33
CA MET B 199 -8.99 12.24 -16.69
C MET B 199 -7.90 12.86 -17.55
N ALA B 200 -8.17 14.06 -18.05
CA ALA B 200 -7.20 14.86 -18.78
C ALA B 200 -6.58 15.82 -17.78
N CYS B 201 -5.27 15.73 -17.59
CA CYS B 201 -4.61 16.42 -16.48
C CYS B 201 -3.64 17.46 -17.00
N VAL B 202 -3.72 18.68 -16.45
CA VAL B 202 -2.80 19.78 -16.74
C VAL B 202 -2.12 20.18 -15.43
N PHE B 203 -1.01 20.91 -15.56
CA PHE B 203 -0.08 21.04 -14.44
C PHE B 203 0.52 22.42 -14.34
N GLU B 204 0.70 22.89 -13.10
CA GLU B 204 1.57 24.02 -12.82
C GLU B 204 2.22 23.77 -11.47
N VAL B 205 3.14 24.64 -11.10
CA VAL B 205 3.81 24.51 -9.80
C VAL B 205 2.97 25.14 -8.71
N SER B 206 2.96 24.52 -7.54
CA SER B 206 2.27 25.11 -6.40
C SER B 206 3.11 26.19 -5.73
N ASN B 207 2.45 27.27 -5.33
CA ASN B 207 3.06 28.29 -4.48
C ASN B 207 2.45 28.30 -3.10
N SER B 208 1.64 27.29 -2.78
CA SER B 208 0.94 27.27 -1.50
C SER B 208 1.89 26.97 -0.36
N GLU B 209 1.67 27.64 0.77
CA GLU B 209 2.34 27.26 2.01
C GLU B 209 2.05 25.79 2.35
N HIS B 210 0.82 25.37 2.12
CA HIS B 210 0.51 23.95 2.08
C HIS B 210 0.96 23.37 0.73
N GLY B 211 0.98 22.06 0.63
CA GLY B 211 1.67 21.47 -0.50
C GLY B 211 0.91 21.49 -1.80
N ALA B 212 0.83 20.32 -2.43
CA ALA B 212 0.17 20.22 -3.71
C ALA B 212 -1.33 20.51 -3.59
N GLN B 213 -1.92 20.95 -4.71
CA GLN B 213 -3.34 21.26 -4.77
C GLN B 213 -3.91 20.70 -6.07
N HIS B 214 -5.23 20.60 -6.14
CA HIS B 214 -5.85 20.19 -7.40
C HIS B 214 -7.27 20.72 -7.46
N HIS B 215 -7.79 20.81 -8.68
CA HIS B 215 -9.19 21.18 -8.90
C HIS B 215 -9.73 20.30 -10.01
N ILE B 216 -10.93 19.77 -9.83
CA ILE B 216 -11.51 18.86 -10.82
C ILE B 216 -12.63 19.58 -11.54
N TYR B 217 -12.69 19.42 -12.88
CA TYR B 217 -13.76 19.95 -13.71
C TYR B 217 -14.37 18.80 -14.51
N ARG B 218 -15.60 18.99 -14.95
CA ARG B 218 -16.20 18.10 -15.94
C ARG B 218 -15.82 18.54 -17.35
N LEU B 219 -15.44 17.57 -18.18
CA LEU B 219 -15.22 17.86 -19.60
C LEU B 219 -16.53 17.82 -20.35
N VAL B 220 -16.76 18.82 -21.19
CA VAL B 220 -17.99 18.87 -22.00
C VAL B 220 -17.68 19.18 -23.48
C4 Y2D C . 6.36 -5.84 17.96
C14 Y2D C . 4.01 -11.11 12.16
C5 Y2D C . 5.89 -5.01 16.96
C6 Y2D C . 4.90 -5.53 15.94
C11 Y2D C . 2.22 -8.47 14.23
C7 Y2D C . 2.51 -5.65 15.61
C8 Y2D C . 1.32 -4.72 15.82
C9 Y2D C . 0.64 -7.01 16.33
C10 Y2D C . 2.15 -6.98 16.24
C12 Y2D C . 3.03 -9.46 13.76
C13 Y2D C . 2.98 -10.24 12.51
N1 Y2D C . 0.30 -5.59 16.43
N2 Y2D C . 2.70 -8.05 15.41
C3 Y2D C . 7.28 -5.38 18.88
N3 Y2D C . 4.05 -9.59 14.67
C1 Y2D C . 8.70 -3.55 19.82
C15 Y2D C . 3.95 -11.78 10.96
C16 Y2D C . 2.87 -11.57 10.14
C17 Y2D C . 1.93 -10.10 11.60
C18 Y2D C . -0.86 -5.11 16.88
C19 Y2D C . -1.80 -5.91 17.42
C2 Y2D C . 7.72 -4.07 18.82
C20 Y2D C . -2.94 -5.43 17.90
C21 Y2D C . 6.34 -3.70 16.91
C22 Y2D C . 7.25 -3.22 17.84
F1 Y2D C . 9.53 -2.65 19.31
F2 Y2D C . 9.46 -4.51 20.31
F3 Y2D C . 8.11 -2.97 20.85
N4 Y2D C . 3.86 -8.74 15.66
N5 Y2D C . 1.87 -10.75 10.43
O1 Y2D C . 3.61 -4.99 16.24
O2 Y2D C . -1.05 -3.91 16.75
H2 Y2D C . 6.07 -6.73 18.00
H12 Y2D C . 4.74 -11.24 12.74
H4 Y2D C . 5.17 -5.26 15.05
H3 Y2D C . 4.87 -6.51 15.98
H11 Y2D C . 1.45 -8.13 13.81
H5 Y2D C . 2.69 -5.83 14.66
H7 Y2D C . 1.00 -4.35 14.95
H6 Y2D C . 1.55 -3.96 16.43
H8 Y2D C . 0.24 -7.41 15.53
H9 Y2D C . 0.33 -7.51 17.12
H10 Y2D C . 2.48 -7.02 17.18
H1 Y2D C . 7.60 -5.95 19.56
H13 Y2D C . 4.64 -12.37 10.70
H14 Y2D C . 2.83 -12.05 9.32
H15 Y2D C . 1.24 -9.50 11.82
H16 Y2D C . -1.65 -6.84 17.46
H17 Y2D C . -3.58 -6.02 18.28
H19 Y2D C . 6.00 -3.13 16.24
H20 Y2D C . 7.54 -2.32 17.79
S SO4 D . 14.06 -9.12 5.63
O1 SO4 D . 14.97 -8.29 4.85
O2 SO4 D . 13.78 -10.37 4.91
O3 SO4 D . 12.81 -8.40 5.88
O4 SO4 D . 14.71 -9.41 6.93
C4 Y2D E . 3.28 15.05 -12.37
C14 Y2D E . -3.78 11.19 -12.34
C5 Y2D E . 3.62 13.87 -11.73
C6 Y2D E . 2.76 12.65 -11.91
C11 Y2D E . -0.27 9.98 -13.27
C7 Y2D E . 2.84 10.44 -12.83
C8 Y2D E . 3.88 9.34 -13.02
C9 Y2D E . 2.24 9.21 -14.82
C10 Y2D E . 2.04 10.55 -14.12
C12 Y2D E . -1.43 10.69 -13.02
C13 Y2D E . -2.74 10.26 -12.51
N1 Y2D E . 3.60 8.85 -14.39
N2 Y2D E . 0.64 10.84 -13.74
C3 Y2D E . 4.05 16.18 -12.22
N3 Y2D E . -1.14 11.99 -13.30
C1 Y2D E . 6.02 17.38 -11.25
C15 Y2D E . -4.98 10.75 -11.85
C16 Y2D E . -5.14 9.42 -11.53
C17 Y2D E . -3.00 8.94 -12.16
C18 Y2D E . 4.42 8.03 -15.05
C19 Y2D E . 4.13 7.59 -16.29
C2 Y2D E . 5.17 16.15 -11.41
C20 Y2D E . 4.88 6.74 -16.96
C21 Y2D E . 4.76 13.85 -10.94
C22 Y2D E . 5.53 14.99 -10.77
F1 Y2D E . 7.13 17.32 -11.96
F2 Y2D E . 6.37 17.59 -9.99
F3 Y2D E . 5.41 18.49 -11.64
N4 Y2D E . 0.10 12.09 -13.71
N5 Y2D E . -4.18 8.51 -11.68
O1 Y2D E . 3.57 11.58 -12.36
O2 Y2D E . 5.42 7.66 -14.45
H2 Y2D E . 2.50 15.08 -12.90
H12 Y2D E . -3.65 12.09 -12.55
H4 Y2D E . 2.34 12.41 -11.05
H3 Y2D E . 2.05 12.83 -12.56
H11 Y2D E . -0.15 9.05 -13.14
H5 Y2D E . 2.13 10.24 -12.18
H7 Y2D E . 3.78 8.62 -12.35
H6 Y2D E . 4.80 9.71 -12.97
H8 Y2D E . 1.58 8.55 -14.52
H9 Y2D E . 2.19 9.30 -15.79
H10 Y2D E . 2.40 11.23 -14.73
H1 Y2D E . 3.81 16.98 -12.66
H13 Y2D E . -5.70 11.36 -11.72
H14 Y2D E . -5.97 9.13 -11.19
H15 Y2D E . -2.31 8.31 -12.27
H16 Y2D E . 3.34 7.91 -16.71
H17 Y2D E . 4.64 6.47 -17.83
H19 Y2D E . 5.01 13.04 -10.52
H20 Y2D E . 6.29 14.96 -10.22
S SO4 F . -6.41 15.97 -1.38
O1 SO4 F . -5.54 15.03 -2.08
O2 SO4 F . -6.66 17.14 -2.22
O3 SO4 F . -7.69 15.32 -1.04
O4 SO4 F . -5.75 16.41 -0.15
S SO4 G . -18.77 10.00 -32.75
O1 SO4 G . -18.52 11.35 -32.21
O2 SO4 G . -19.46 10.14 -34.05
O3 SO4 G . -19.62 9.23 -31.83
O4 SO4 G . -17.50 9.31 -32.93
#